data_5T7N
#
_entry.id   5T7N
#
_cell.length_a   45.670
_cell.length_b   59.000
_cell.length_c   72.150
_cell.angle_alpha   90.00
_cell.angle_beta   90.00
_cell.angle_gamma   90.00
#
_symmetry.space_group_name_H-M   'P 21 21 21'
#
loop_
_entity.id
_entity.type
_entity.pdbx_description
1 polymer AoAA13
2 branched alpha-D-glucopyranose-(1-6)-alpha-D-glucopyranose-(1-4)-alpha-D-glucopyranose-(1-4)-alpha-D-glucopyranose
3 non-polymer 2-acetamido-2-deoxy-beta-D-glucopyranose
4 non-polymer 'ZINC ION'
5 water water
#
_entity_poly.entity_id   1
_entity_poly.type   'polypeptide(L)'
_entity_poly.pdbx_seq_one_letter_code
;(HIC)GYMYIPSSRTRLGHEAGIDSCPECAILEPVSSWPDLDAAPVGRSGPCGYNARDSIDYNQPTTNWGSDAVQSYSPG
EEIEVQWCVDHNGDHGGMFTYRICQDQSIVDKFLDPSYLPTNDEKQAAEDCFDAGLLPCTDVSGQECGYSADCTEGEACW
RNDWFTCNGFEASDRPKCQGVDNAELNSCYTSIAGGYTVTKKVKLPEYTSNHTLISFKWNSFQTGQIYLSCADIAIQ
;
_entity_poly.pdbx_strand_id   A
#
# COMPACT_ATOMS: atom_id res chain seq x y z
N GLY A 2 5.35 7.62 -1.33
CA GLY A 2 5.10 6.58 -2.26
C GLY A 2 3.63 6.21 -2.29
N TYR A 3 3.30 5.36 -3.24
CA TYR A 3 1.90 4.88 -3.42
C TYR A 3 1.85 3.64 -4.30
N MET A 4 0.76 2.92 -4.20
CA MET A 4 0.63 1.67 -4.94
C MET A 4 0.41 1.87 -6.46
N TYR A 5 1.18 1.14 -7.24
CA TYR A 5 1.24 1.27 -8.68
C TYR A 5 0.60 0.15 -9.52
N ILE A 6 0.78 -1.11 -9.12
CA ILE A 6 0.21 -2.25 -9.85
C ILE A 6 -0.31 -3.22 -8.84
N PRO A 7 -1.55 -3.68 -9.00
CA PRO A 7 -2.53 -3.11 -9.93
C PRO A 7 -2.76 -1.64 -9.61
N SER A 8 -3.26 -0.92 -10.62
CA SER A 8 -3.44 0.50 -10.48
C SER A 8 -4.34 0.89 -9.31
N SER A 9 -3.78 1.67 -8.38
CA SER A 9 -4.53 2.09 -7.23
C SER A 9 -5.43 3.26 -7.51
N ARG A 10 -6.35 3.50 -6.57
CA ARG A 10 -7.16 4.70 -6.59
C ARG A 10 -6.29 5.96 -6.68
N THR A 11 -5.19 5.95 -5.95
CA THR A 11 -4.27 7.10 -5.96
C THR A 11 -3.61 7.29 -7.32
N ARG A 12 -3.21 6.17 -7.98
CA ARG A 12 -2.65 6.27 -9.31
C ARG A 12 -3.70 6.83 -10.26
N LEU A 13 -4.91 6.31 -10.17
CA LEU A 13 -5.97 6.79 -11.04
C LEU A 13 -6.28 8.28 -10.76
N GLY A 14 -6.20 8.72 -9.50
CA GLY A 14 -6.46 10.12 -9.20
C GLY A 14 -5.43 11.03 -9.83
N HIS A 15 -4.19 10.56 -9.88
N HIS A 15 -4.18 10.55 -9.90
CA HIS A 15 -3.19 11.34 -10.55
CA HIS A 15 -3.11 11.28 -10.59
C HIS A 15 -3.32 11.27 -12.06
C HIS A 15 -3.39 11.28 -12.07
N GLU A 16 -3.58 10.07 -12.60
CA GLU A 16 -3.77 9.95 -14.09
C GLU A 16 -5.01 10.70 -14.62
N ALA A 17 -6.03 10.81 -13.77
CA ALA A 17 -7.25 11.58 -14.08
C ALA A 17 -7.03 13.11 -13.98
N GLY A 18 -5.88 13.54 -13.44
CA GLY A 18 -5.59 14.99 -13.40
C GLY A 18 -6.14 15.66 -12.13
N ILE A 19 -6.48 14.82 -11.13
CA ILE A 19 -7.06 15.31 -9.90
C ILE A 19 -6.01 15.53 -8.82
N ASP A 20 -5.11 14.54 -8.68
CA ASP A 20 -4.15 14.47 -7.60
C ASP A 20 -2.78 14.93 -8.11
N SER A 21 -2.39 16.15 -7.66
CA SER A 21 -1.12 16.76 -8.03
C SER A 21 0.13 16.06 -7.44
N CYS A 22 -0.08 15.31 -6.36
CA CYS A 22 1.03 14.64 -5.67
C CYS A 22 0.60 13.29 -5.10
N PRO A 23 0.49 12.27 -5.96
CA PRO A 23 -0.03 10.99 -5.48
C PRO A 23 0.79 10.39 -4.33
N GLU A 24 2.10 10.59 -4.42
CA GLU A 24 3.02 10.07 -3.40
C GLU A 24 2.92 10.81 -2.04
N CYS A 25 2.21 11.93 -2.01
CA CYS A 25 2.08 12.73 -0.78
C CYS A 25 1.00 12.27 0.18
N ALA A 26 0.13 11.33 -0.24
CA ALA A 26 -0.95 10.92 0.62
C ALA A 26 -0.37 10.14 1.80
N ILE A 27 -0.41 10.75 2.99
CA ILE A 27 0.33 10.24 4.16
C ILE A 27 -0.50 10.26 5.43
N LEU A 28 -0.28 9.24 6.26
CA LEU A 28 -0.81 9.18 7.63
C LEU A 28 0.34 9.61 8.56
N GLU A 29 0.15 10.75 9.18
CA GLU A 29 1.12 11.31 10.13
C GLU A 29 0.41 12.42 10.90
N PRO A 30 0.86 12.76 12.11
CA PRO A 30 1.88 12.04 12.86
C PRO A 30 1.29 10.75 13.45
N VAL A 31 2.08 9.69 13.37
CA VAL A 31 1.75 8.38 13.99
C VAL A 31 2.98 7.70 14.43
N SER A 32 2.78 6.70 15.28
CA SER A 32 3.87 5.77 15.58
C SER A 32 3.80 4.62 14.58
N SER A 33 4.77 4.58 13.67
CA SER A 33 4.83 3.63 12.60
C SER A 33 5.79 2.44 12.90
N TRP A 34 6.51 2.51 14.01
CA TRP A 34 7.64 1.62 14.28
C TRP A 34 7.92 1.56 15.78
N PRO A 35 8.20 0.37 16.31
CA PRO A 35 8.30 -0.94 15.65
C PRO A 35 7.02 -1.70 15.51
N ASP A 36 5.97 -1.26 16.21
CA ASP A 36 4.70 -1.95 16.08
C ASP A 36 3.96 -1.40 14.85
N LEU A 37 3.89 -2.24 13.82
CA LEU A 37 3.51 -1.76 12.52
C LEU A 37 2.00 -1.55 12.36
N ASP A 38 1.20 -2.07 13.30
CA ASP A 38 -0.24 -2.03 13.13
C ASP A 38 -0.99 -1.41 14.34
N ALA A 39 -0.25 -0.91 15.34
CA ALA A 39 -0.92 -0.35 16.51
C ALA A 39 -1.54 1.03 16.19
N ALA A 40 -0.87 1.83 15.35
CA ALA A 40 -1.34 3.21 15.13
C ALA A 40 -2.70 3.18 14.43
N PRO A 41 -3.66 3.96 14.97
CA PRO A 41 -4.95 4.15 14.27
C PRO A 41 -4.76 4.79 12.92
N VAL A 42 -5.57 4.40 11.94
CA VAL A 42 -5.40 4.91 10.58
C VAL A 42 -6.20 6.19 10.37
N GLY A 43 -7.03 6.54 11.36
CA GLY A 43 -7.70 7.84 11.30
C GLY A 43 -8.43 8.10 9.97
N ARG A 44 -8.31 9.34 9.47
CA ARG A 44 -8.98 9.72 8.23
C ARG A 44 -8.40 8.99 6.99
N SER A 45 -7.14 8.60 7.11
CA SER A 45 -6.44 7.94 6.01
C SER A 45 -7.14 6.65 5.62
N GLY A 46 -7.55 5.88 6.61
CA GLY A 46 -8.18 4.60 6.35
C GLY A 46 -7.33 3.65 5.54
N PRO A 47 -7.93 2.61 5.01
CA PRO A 47 -7.13 1.69 4.21
C PRO A 47 -6.83 2.13 2.82
N CYS A 48 -7.50 3.18 2.36
CA CYS A 48 -7.26 3.62 0.97
C CYS A 48 -6.44 4.88 0.82
N GLY A 49 -6.21 5.59 1.92
CA GLY A 49 -5.47 6.84 1.91
C GLY A 49 -6.31 8.10 1.79
N TYR A 50 -5.77 9.12 2.43
CA TYR A 50 -6.29 10.49 2.31
C TYR A 50 -5.10 11.42 1.94
N ASN A 51 -5.31 12.22 0.92
CA ASN A 51 -4.29 13.14 0.47
C ASN A 51 -4.69 14.55 0.85
N ALA A 52 -3.97 15.08 1.84
CA ALA A 52 -4.32 16.39 2.39
C ALA A 52 -4.07 17.51 1.40
N ARG A 53 -3.14 17.30 0.48
CA ARG A 53 -2.69 18.36 -0.49
C ARG A 53 -3.92 18.94 -1.23
N ASP A 54 -4.72 18.03 -1.78
CA ASP A 54 -5.90 18.41 -2.57
C ASP A 54 -7.21 17.97 -1.84
N SER A 55 -7.15 17.60 -0.55
CA SER A 55 -8.30 17.15 0.20
C SER A 55 -9.03 15.99 -0.46
N ILE A 56 -8.27 15.01 -0.88
CA ILE A 56 -8.83 13.83 -1.59
C ILE A 56 -8.92 12.59 -0.65
N ASP A 57 -10.14 12.10 -0.44
CA ASP A 57 -10.37 10.93 0.36
C ASP A 57 -10.57 9.75 -0.58
N TYR A 58 -9.56 8.88 -0.65
CA TYR A 58 -9.62 7.71 -1.58
C TYR A 58 -10.47 6.54 -1.05
N ASN A 59 -11.00 6.67 0.16
CA ASN A 59 -11.87 5.61 0.70
C ASN A 59 -13.28 5.56 0.11
N GLN A 60 -13.62 6.55 -0.68
CA GLN A 60 -14.84 6.40 -1.45
C GLN A 60 -14.59 6.68 -2.95
N PRO A 61 -15.36 5.99 -3.78
CA PRO A 61 -15.27 6.20 -5.20
C PRO A 61 -15.73 7.57 -5.58
N THR A 62 -15.24 7.95 -6.77
CA THR A 62 -15.77 9.11 -7.48
C THR A 62 -15.87 8.75 -8.96
N THR A 63 -16.13 9.74 -9.84
CA THR A 63 -16.13 9.44 -11.24
C THR A 63 -14.77 8.92 -11.77
N ASN A 64 -13.69 9.24 -11.04
CA ASN A 64 -12.36 8.94 -11.45
C ASN A 64 -11.72 7.71 -10.85
N TRP A 65 -12.34 7.11 -9.86
CA TRP A 65 -11.79 5.89 -9.27
C TRP A 65 -12.87 5.18 -8.48
N GLY A 66 -12.70 3.87 -8.29
CA GLY A 66 -13.49 3.10 -7.34
C GLY A 66 -14.76 2.52 -7.93
N SER A 67 -15.07 2.82 -9.20
CA SER A 67 -16.35 2.40 -9.73
CA SER A 67 -16.33 2.42 -9.82
C SER A 67 -16.32 0.93 -10.14
N ASP A 68 -15.17 0.47 -10.58
CA ASP A 68 -15.01 -0.90 -11.03
C ASP A 68 -13.61 -1.44 -10.73
N ALA A 69 -13.52 -2.77 -10.82
CA ALA A 69 -12.24 -3.47 -10.75
C ALA A 69 -11.34 -2.95 -11.88
N VAL A 70 -10.10 -2.62 -11.55
CA VAL A 70 -9.12 -2.26 -12.55
C VAL A 70 -8.50 -3.48 -13.25
N GLN A 71 -8.54 -4.62 -12.58
CA GLN A 71 -7.90 -5.83 -13.03
C GLN A 71 -8.62 -7.01 -12.33
N SER A 72 -8.69 -8.14 -13.05
CA SER A 72 -9.32 -9.38 -12.57
CA SER A 72 -9.31 -9.35 -12.54
C SER A 72 -8.30 -10.48 -12.49
N TYR A 73 -8.42 -11.29 -11.42
CA TYR A 73 -7.54 -12.35 -11.10
C TYR A 73 -8.37 -13.60 -10.71
N SER A 74 -7.67 -14.67 -10.41
CA SER A 74 -8.24 -15.95 -9.98
CA SER A 74 -8.34 -15.87 -9.91
C SER A 74 -7.91 -16.20 -8.49
N PRO A 75 -8.76 -16.91 -7.75
CA PRO A 75 -8.43 -17.25 -6.35
C PRO A 75 -7.10 -18.03 -6.24
N GLY A 76 -6.27 -17.68 -5.27
CA GLY A 76 -4.97 -18.31 -5.11
C GLY A 76 -3.91 -17.89 -6.10
N GLU A 77 -4.20 -16.98 -7.04
CA GLU A 77 -3.24 -16.63 -8.07
C GLU A 77 -2.08 -15.85 -7.45
N GLU A 78 -0.87 -16.22 -7.85
CA GLU A 78 0.32 -15.38 -7.49
C GLU A 78 0.42 -14.27 -8.50
N ILE A 79 0.34 -13.06 -7.96
CA ILE A 79 0.29 -11.84 -8.79
C ILE A 79 1.45 -10.88 -8.51
N GLU A 80 1.80 -10.10 -9.53
CA GLU A 80 2.72 -9.00 -9.35
C GLU A 80 2.03 -7.85 -8.61
N VAL A 81 2.70 -7.34 -7.59
CA VAL A 81 2.26 -6.12 -6.92
C VAL A 81 3.43 -5.16 -6.91
N GLN A 82 3.18 -3.90 -7.26
CA GLN A 82 4.24 -2.88 -7.37
C GLN A 82 3.79 -1.58 -6.66
N TRP A 83 4.75 -0.93 -5.99
CA TRP A 83 4.52 0.39 -5.54
C TRP A 83 5.63 1.30 -6.05
N CYS A 84 5.41 2.64 -5.94
CA CYS A 84 6.29 3.64 -6.52
C CYS A 84 6.81 4.51 -5.41
N VAL A 85 8.15 4.61 -5.31
CA VAL A 85 8.78 5.45 -4.27
C VAL A 85 9.43 6.68 -4.96
N ASP A 86 9.21 7.86 -4.38
CA ASP A 86 9.88 9.08 -4.86
C ASP A 86 11.36 9.10 -4.52
N HIS A 87 12.14 9.64 -5.44
CA HIS A 87 13.57 9.70 -5.34
C HIS A 87 13.98 10.44 -4.07
N ASN A 88 13.21 11.48 -3.68
CA ASN A 88 13.59 12.28 -2.50
C ASN A 88 12.97 11.86 -1.20
N GLY A 89 12.08 10.91 -1.28
N GLY A 89 12.10 10.87 -1.20
CA GLY A 89 11.39 10.35 -0.13
CA GLY A 89 11.39 10.46 0.01
C GLY A 89 11.55 8.86 0.03
C GLY A 89 12.01 9.28 0.75
N ASP A 90 12.76 8.33 -0.15
N ASP A 90 12.62 8.40 -0.01
CA ASP A 90 12.90 6.89 -0.02
CA ASP A 90 12.93 7.04 0.39
C ASP A 90 13.31 6.56 1.39
C ASP A 90 13.87 6.90 1.60
N HIS A 91 12.31 6.16 2.19
N HIS A 91 13.31 6.54 2.76
CA HIS A 91 12.53 6.03 3.64
CA HIS A 91 14.08 6.12 3.93
C HIS A 91 13.11 4.71 4.14
C HIS A 91 13.83 4.67 4.35
N GLY A 92 13.30 3.75 3.24
N GLY A 92 13.56 3.79 3.39
CA GLY A 92 13.38 2.36 3.69
CA GLY A 92 13.39 2.37 3.70
C GLY A 92 12.12 1.92 4.43
C GLY A 92 12.15 1.99 4.50
N GLY A 93 12.25 0.93 5.29
CA GLY A 93 11.13 0.48 6.11
C GLY A 93 10.53 -0.81 5.63
N MET A 94 9.24 -1.00 5.92
CA MET A 94 8.62 -2.29 5.72
C MET A 94 7.26 -1.98 5.06
N PHE A 95 6.81 -2.89 4.21
CA PHE A 95 5.52 -2.69 3.54
C PHE A 95 4.78 -4.02 3.31
N THR A 96 3.50 -3.89 2.99
CA THR A 96 2.63 -5.03 2.89
C THR A 96 1.42 -4.72 2.04
N TYR A 97 0.73 -5.82 1.67
CA TYR A 97 -0.54 -5.77 0.97
C TYR A 97 -1.53 -6.64 1.70
N ARG A 98 -2.80 -6.22 1.64
CA ARG A 98 -3.86 -6.86 2.43
C ARG A 98 -5.18 -6.92 1.64
N ILE A 99 -5.96 -7.98 1.89
CA ILE A 99 -7.31 -8.08 1.36
C ILE A 99 -8.29 -8.47 2.45
N CYS A 100 -9.31 -7.63 2.61
CA CYS A 100 -10.37 -7.83 3.60
C CYS A 100 -11.36 -8.83 3.01
N GLN A 101 -11.54 -9.99 3.67
CA GLN A 101 -12.43 -11.04 3.16
C GLN A 101 -13.83 -10.96 3.76
N ASP A 102 -14.29 -9.74 4.00
CA ASP A 102 -15.64 -9.48 4.47
C ASP A 102 -16.25 -8.45 3.51
N GLN A 103 -16.98 -8.98 2.53
CA GLN A 103 -17.53 -8.16 1.48
C GLN A 103 -18.41 -7.02 2.01
N SER A 104 -19.18 -7.30 3.07
CA SER A 104 -20.11 -6.25 3.55
C SER A 104 -19.34 -5.06 4.14
N ILE A 105 -18.16 -5.32 4.72
CA ILE A 105 -17.31 -4.24 5.19
C ILE A 105 -16.78 -3.48 3.97
N VAL A 106 -16.25 -4.22 2.98
CA VAL A 106 -15.65 -3.58 1.87
C VAL A 106 -16.66 -2.73 1.06
N ASP A 107 -17.89 -3.21 0.98
CA ASP A 107 -18.94 -2.49 0.23
C ASP A 107 -19.12 -1.02 0.58
N LYS A 108 -18.83 -0.66 1.84
CA LYS A 108 -18.98 0.72 2.26
C LYS A 108 -17.91 1.65 1.69
N PHE A 109 -16.90 1.05 1.04
CA PHE A 109 -15.82 1.75 0.40
C PHE A 109 -15.96 1.76 -1.11
N LEU A 110 -17.10 1.19 -1.58
CA LEU A 110 -17.39 1.04 -3.02
C LEU A 110 -18.61 1.86 -3.45
N ASP A 111 -19.05 2.80 -2.59
CA ASP A 111 -20.30 3.52 -2.83
C ASP A 111 -20.00 5.02 -3.06
N PRO A 112 -20.17 5.50 -4.29
CA PRO A 112 -19.81 6.95 -4.44
C PRO A 112 -20.69 7.91 -3.63
N SER A 113 -21.85 7.44 -3.16
CA SER A 113 -22.77 8.28 -2.40
CA SER A 113 -22.77 8.28 -2.41
C SER A 113 -22.51 8.19 -0.89
N TYR A 114 -21.49 7.42 -0.47
CA TYR A 114 -21.19 7.27 0.96
C TYR A 114 -19.72 7.44 1.31
N LEU A 115 -19.47 8.25 2.34
CA LEU A 115 -18.10 8.42 2.89
C LEU A 115 -17.95 7.69 4.22
N PRO A 116 -17.12 6.61 4.27
CA PRO A 116 -16.86 5.96 5.50
C PRO A 116 -16.40 6.87 6.62
N THR A 117 -16.98 6.67 7.78
CA THR A 117 -16.54 7.37 9.01
C THR A 117 -15.17 6.84 9.45
N ASN A 118 -14.49 7.60 10.29
CA ASN A 118 -13.20 7.11 10.79
C ASN A 118 -13.32 5.81 11.57
N ASP A 119 -14.41 5.61 12.31
CA ASP A 119 -14.64 4.29 12.97
C ASP A 119 -14.80 3.19 11.93
N GLU A 120 -15.57 3.45 10.86
CA GLU A 120 -15.67 2.41 9.79
C GLU A 120 -14.31 2.15 9.11
N LYS A 121 -13.51 3.22 8.93
CA LYS A 121 -12.19 3.03 8.32
C LYS A 121 -11.32 2.15 9.19
N GLN A 122 -11.41 2.33 10.51
CA GLN A 122 -10.62 1.48 11.45
C GLN A 122 -11.12 0.02 11.52
N ALA A 123 -12.44 -0.16 11.52
CA ALA A 123 -12.96 -1.54 11.48
C ALA A 123 -12.50 -2.20 10.19
N ALA A 124 -12.50 -1.45 9.08
CA ALA A 124 -12.02 -2.00 7.81
C ALA A 124 -10.54 -2.30 7.90
N GLU A 125 -9.76 -1.36 8.45
CA GLU A 125 -8.33 -1.60 8.63
C GLU A 125 -8.04 -2.89 9.39
N ASP A 126 -8.86 -3.14 10.41
CA ASP A 126 -8.69 -4.37 11.20
C ASP A 126 -8.97 -5.64 10.38
N CYS A 127 -9.96 -5.54 9.49
CA CYS A 127 -10.24 -6.62 8.57
C CYS A 127 -9.09 -6.84 7.55
N PHE A 128 -8.51 -5.76 7.06
CA PHE A 128 -7.33 -5.82 6.18
C PHE A 128 -6.15 -6.44 6.93
N ASP A 129 -5.89 -6.03 8.17
CA ASP A 129 -4.82 -6.62 8.94
C ASP A 129 -5.00 -8.14 9.05
N ALA A 130 -6.22 -8.57 9.28
CA ALA A 130 -6.55 -9.99 9.35
C ALA A 130 -6.33 -10.71 8.02
N GLY A 131 -6.42 -9.94 6.94
CA GLY A 131 -6.30 -10.40 5.58
C GLY A 131 -4.97 -10.01 4.95
N LEU A 132 -3.92 -9.85 5.76
CA LEU A 132 -2.58 -9.61 5.25
C LEU A 132 -2.14 -10.75 4.35
N LEU A 133 -1.51 -10.40 3.23
CA LEU A 133 -0.99 -11.36 2.25
C LEU A 133 0.50 -11.61 2.50
N PRO A 134 0.87 -12.73 3.16
CA PRO A 134 2.28 -12.82 3.59
C PRO A 134 3.29 -13.00 2.45
N CYS A 135 4.44 -12.35 2.57
CA CYS A 135 5.53 -12.54 1.61
C CYS A 135 5.80 -14.05 1.40
N THR A 136 5.74 -14.79 2.52
CA THR A 136 6.12 -16.16 2.54
C THR A 136 5.15 -17.14 1.86
N ASP A 137 3.97 -16.64 1.48
CA ASP A 137 2.95 -17.47 0.78
C ASP A 137 3.32 -17.75 -0.69
N VAL A 138 4.31 -17.02 -1.22
CA VAL A 138 4.82 -17.20 -2.55
C VAL A 138 6.06 -18.08 -2.53
N SER A 139 5.91 -19.28 -3.14
CA SER A 139 6.98 -20.23 -3.27
C SER A 139 8.15 -19.57 -3.90
N GLY A 140 9.28 -19.69 -3.21
CA GLY A 140 10.55 -19.24 -3.76
C GLY A 140 10.87 -17.78 -3.52
N GLN A 141 9.92 -17.01 -2.99
CA GLN A 141 10.18 -15.60 -2.68
C GLN A 141 10.99 -15.52 -1.40
N GLU A 142 12.06 -14.75 -1.46
CA GLU A 142 12.92 -14.50 -0.29
CA GLU A 142 12.94 -14.47 -0.30
C GLU A 142 12.30 -13.44 0.59
N CYS A 143 12.08 -13.78 1.87
CA CYS A 143 11.35 -12.90 2.78
C CYS A 143 12.22 -12.69 4.01
N GLY A 144 13.05 -11.63 3.95
CA GLY A 144 13.98 -11.31 5.01
C GLY A 144 13.39 -10.43 6.13
N TYR A 145 14.21 -10.20 7.16
CA TYR A 145 13.90 -9.29 8.25
C TYR A 145 14.61 -7.94 7.96
N SER A 146 14.04 -6.89 8.53
CA SER A 146 14.52 -5.54 8.37
C SER A 146 15.85 -5.32 9.03
N ALA A 147 16.73 -4.59 8.35
CA ALA A 147 18.02 -4.14 8.96
C ALA A 147 17.82 -3.09 10.04
N ASP A 148 16.57 -2.66 10.24
CA ASP A 148 16.20 -1.61 11.20
C ASP A 148 15.42 -2.16 12.39
N CYS A 149 15.49 -3.48 12.55
CA CYS A 149 14.71 -4.26 13.54
C CYS A 149 15.66 -5.26 14.20
N THR A 150 15.36 -5.62 15.45
CA THR A 150 16.06 -6.67 16.14
C THR A 150 15.03 -7.64 16.70
N GLU A 151 15.48 -8.89 16.87
CA GLU A 151 14.57 -9.92 17.30
C GLU A 151 14.05 -9.53 18.71
N GLY A 152 12.76 -9.74 18.93
CA GLY A 152 12.07 -9.35 20.18
C GLY A 152 11.19 -8.14 20.03
N GLU A 153 11.43 -7.36 18.94
CA GLU A 153 10.64 -6.21 18.61
C GLU A 153 9.48 -6.58 17.66
N ALA A 154 8.43 -5.73 17.69
CA ALA A 154 7.22 -6.01 16.90
C ALA A 154 7.37 -5.91 15.38
N CYS A 155 8.51 -5.42 14.91
CA CYS A 155 8.84 -5.30 13.49
C CYS A 155 9.52 -6.59 12.97
N TRP A 156 9.73 -7.58 13.86
CA TRP A 156 10.48 -8.81 13.51
C TRP A 156 9.55 -9.88 12.93
N ARG A 157 9.13 -9.64 11.70
CA ARG A 157 8.09 -10.43 11.10
C ARG A 157 8.28 -10.38 9.59
N ASN A 158 8.37 -11.57 9.00
CA ASN A 158 8.57 -11.66 7.55
C ASN A 158 7.31 -12.02 6.74
N ASP A 159 6.12 -11.81 7.35
CA ASP A 159 4.89 -11.69 6.56
C ASP A 159 4.94 -10.38 5.71
N TRP A 160 5.22 -9.27 6.39
CA TRP A 160 5.54 -8.02 5.71
C TRP A 160 6.82 -8.20 4.90
N PHE A 161 6.85 -7.42 3.81
CA PHE A 161 8.08 -7.21 3.05
C PHE A 161 8.98 -6.15 3.73
N THR A 162 10.28 -6.21 3.43
CA THR A 162 11.18 -5.18 3.85
C THR A 162 11.90 -4.52 2.66
N CYS A 163 12.11 -3.21 2.81
CA CYS A 163 13.03 -2.51 1.93
C CYS A 163 14.46 -2.94 2.30
N ASN A 164 15.47 -2.59 1.46
CA ASN A 164 16.85 -2.80 1.81
C ASN A 164 17.26 -1.82 2.91
N GLY A 165 18.43 -2.11 3.50
CA GLY A 165 18.94 -1.36 4.61
C GLY A 165 19.19 0.06 4.12
N PHE A 166 18.87 0.97 5.00
CA PHE A 166 19.04 2.38 4.68
C PHE A 166 20.52 2.73 4.46
N GLU A 167 21.36 2.08 5.23
CA GLU A 167 22.80 2.34 5.27
C GLU A 167 23.62 1.46 4.34
N ALA A 168 22.98 0.59 3.58
CA ALA A 168 23.76 -0.27 2.69
C ALA A 168 24.53 0.52 1.61
N SER A 169 25.77 0.09 1.36
CA SER A 169 26.64 0.76 0.37
C SER A 169 26.11 0.58 -1.06
N ASP A 170 25.52 -0.59 -1.32
CA ASP A 170 24.98 -0.93 -2.63
C ASP A 170 23.49 -1.16 -2.46
N ARG A 171 22.72 -0.59 -3.39
CA ARG A 171 21.27 -0.80 -3.45
C ARG A 171 20.55 -0.59 -2.10
N PRO A 172 20.82 0.53 -1.44
CA PRO A 172 20.06 0.77 -0.17
C PRO A 172 18.56 1.08 -0.36
N LYS A 173 17.85 1.04 0.77
CA LYS A 173 16.51 1.58 0.91
C LYS A 173 15.50 0.86 0.04
N CYS A 174 14.35 1.48 -0.19
CA CYS A 174 13.34 0.82 -1.02
C CYS A 174 13.69 0.77 -2.50
N GLN A 175 14.35 1.82 -3.01
CA GLN A 175 14.78 1.85 -4.42
CA GLN A 175 14.78 1.88 -4.40
C GLN A 175 15.67 0.67 -4.74
N GLY A 176 16.46 0.22 -3.76
CA GLY A 176 17.41 -0.85 -3.98
C GLY A 176 16.81 -2.21 -4.28
N VAL A 177 15.54 -2.38 -3.93
CA VAL A 177 14.86 -3.65 -4.11
C VAL A 177 14.83 -4.03 -5.61
N ASP A 178 14.30 -3.16 -6.47
CA ASP A 178 14.28 -3.39 -7.91
C ASP A 178 15.55 -2.84 -8.57
N ASN A 179 16.20 -1.87 -7.92
CA ASN A 179 17.24 -1.06 -8.57
C ASN A 179 16.83 -0.58 -10.03
N ALA A 180 15.59 -0.09 -10.13
CA ALA A 180 15.06 0.37 -11.40
C ALA A 180 15.61 1.78 -11.73
N GLU A 181 15.39 2.18 -12.98
CA GLU A 181 15.71 3.51 -13.44
C GLU A 181 14.72 4.53 -12.89
N LEU A 182 15.22 5.76 -12.70
CA LEU A 182 14.36 6.85 -12.32
C LEU A 182 13.27 7.04 -13.37
N ASN A 183 12.10 7.41 -12.86
CA ASN A 183 10.85 7.54 -13.67
C ASN A 183 10.35 6.26 -14.31
N SER A 184 10.71 5.14 -13.66
CA SER A 184 10.09 3.87 -14.00
C SER A 184 8.63 3.83 -13.51
N CYS A 185 8.27 4.78 -12.63
CA CYS A 185 6.89 5.02 -12.26
C CYS A 185 6.77 6.48 -11.82
N TYR A 186 5.57 7.03 -11.91
CA TYR A 186 5.39 8.46 -11.78
C TYR A 186 5.39 8.88 -10.32
N THR A 187 6.22 9.89 -10.00
CA THR A 187 6.01 10.73 -8.80
C THR A 187 6.19 12.17 -9.19
N SER A 188 5.53 13.06 -8.43
CA SER A 188 5.40 14.46 -8.81
C SER A 188 6.65 15.26 -8.40
N ILE A 189 7.30 14.83 -7.31
CA ILE A 189 8.35 15.60 -6.64
C ILE A 189 9.69 15.44 -7.34
N ALA A 190 10.21 14.23 -7.44
CA ALA A 190 11.51 14.05 -8.01
C ALA A 190 11.62 12.86 -8.95
N GLY A 191 10.49 12.23 -9.26
CA GLY A 191 10.50 11.07 -10.12
C GLY A 191 10.58 9.80 -9.30
N GLY A 192 9.97 8.74 -9.86
CA GLY A 192 9.69 7.56 -9.08
C GLY A 192 10.50 6.36 -9.52
N TYR A 193 10.63 5.44 -8.55
CA TYR A 193 11.26 4.14 -8.76
C TYR A 193 10.29 3.03 -8.34
N THR A 194 10.20 1.99 -9.16
CA THR A 194 9.37 0.82 -8.81
C THR A 194 9.93 0.03 -7.65
N VAL A 195 9.01 -0.61 -6.94
CA VAL A 195 9.28 -1.60 -5.85
C VAL A 195 8.30 -2.75 -6.06
N THR A 196 8.84 -3.88 -6.52
CA THR A 196 8.02 -4.95 -7.08
C THR A 196 8.18 -6.23 -6.27
N LYS A 197 7.05 -6.87 -6.00
CA LYS A 197 7.02 -8.16 -5.30
C LYS A 197 5.89 -9.00 -5.87
N LYS A 198 5.75 -10.22 -5.35
CA LYS A 198 4.60 -11.05 -5.62
C LYS A 198 3.83 -11.33 -4.36
N VAL A 199 2.53 -11.46 -4.47
CA VAL A 199 1.71 -12.02 -3.38
C VAL A 199 0.79 -13.08 -3.93
N LYS A 200 0.37 -13.95 -3.03
CA LYS A 200 -0.65 -14.98 -3.36
C LYS A 200 -2.03 -14.48 -2.94
N LEU A 201 -2.91 -14.28 -3.89
CA LEU A 201 -4.26 -13.84 -3.54
C LEU A 201 -4.96 -14.93 -2.70
N PRO A 202 -5.93 -14.48 -1.90
CA PRO A 202 -6.70 -15.45 -1.11
C PRO A 202 -7.56 -16.30 -2.02
N GLU A 203 -7.94 -17.45 -1.48
CA GLU A 203 -8.90 -18.33 -2.11
C GLU A 203 -10.30 -17.85 -1.68
N TYR A 204 -10.80 -16.91 -2.51
CA TYR A 204 -11.93 -16.08 -2.20
C TYR A 204 -12.39 -15.43 -3.48
N THR A 205 -13.71 -15.35 -3.71
CA THR A 205 -14.19 -14.74 -4.90
C THR A 205 -14.98 -13.45 -4.58
N SER A 206 -14.81 -12.45 -5.49
CA SER A 206 -15.55 -11.19 -5.40
C SER A 206 -15.50 -10.53 -6.81
N ASN A 207 -16.63 -10.00 -7.26
CA ASN A 207 -16.62 -9.20 -8.45
C ASN A 207 -16.00 -7.81 -8.24
N HIS A 208 -15.85 -7.39 -6.99
CA HIS A 208 -15.29 -6.11 -6.73
C HIS A 208 -14.92 -6.06 -5.23
N THR A 209 -13.62 -6.11 -4.97
CA THR A 209 -13.07 -5.95 -3.65
C THR A 209 -11.83 -5.03 -3.73
N LEU A 210 -11.10 -4.94 -2.63
CA LEU A 210 -9.94 -4.05 -2.51
C LEU A 210 -8.70 -4.81 -2.10
N ILE A 211 -7.57 -4.36 -2.61
CA ILE A 211 -6.26 -4.70 -2.06
C ILE A 211 -5.64 -3.41 -1.55
N SER A 212 -5.25 -3.41 -0.27
CA SER A 212 -4.71 -2.27 0.40
C SER A 212 -3.22 -2.45 0.66
N PHE A 213 -2.47 -1.43 0.20
CA PHE A 213 -1.06 -1.30 0.36
C PHE A 213 -0.79 -0.44 1.60
N LYS A 214 0.21 -0.84 2.37
CA LYS A 214 0.64 -0.14 3.57
C LYS A 214 2.16 -0.15 3.69
N TRP A 215 2.75 1.04 3.94
CA TRP A 215 4.19 1.16 3.99
C TRP A 215 4.52 2.00 5.22
N ASN A 216 5.33 1.42 6.13
CA ASN A 216 5.68 2.07 7.37
C ASN A 216 7.14 2.45 7.40
N SER A 217 7.39 3.68 7.79
CA SER A 217 8.78 4.16 8.01
C SER A 217 9.33 3.75 9.35
N PHE A 218 10.68 3.64 9.45
CA PHE A 218 11.32 3.34 10.76
C PHE A 218 11.92 4.56 11.42
N GLN A 219 12.42 5.47 10.59
N GLN A 219 12.49 5.45 10.61
CA GLN A 219 13.26 6.59 11.06
CA GLN A 219 13.26 6.61 11.17
C GLN A 219 12.42 7.77 11.53
C GLN A 219 12.38 7.81 11.60
N THR A 220 11.24 7.91 10.93
CA THR A 220 10.24 8.93 11.22
C THR A 220 8.89 8.18 11.30
N GLY A 221 7.93 8.83 11.96
CA GLY A 221 6.61 8.29 12.24
C GLY A 221 5.63 8.61 11.13
N GLN A 222 5.57 7.71 10.17
N GLN A 222 5.56 7.69 10.17
CA GLN A 222 4.74 7.94 8.99
CA GLN A 222 4.83 7.93 8.92
C GLN A 222 4.34 6.62 8.35
C GLN A 222 4.36 6.61 8.34
N ILE A 223 3.13 6.61 7.83
CA ILE A 223 2.55 5.45 7.13
C ILE A 223 1.92 5.97 5.83
N TYR A 224 2.18 5.20 4.76
CA TYR A 224 1.56 5.45 3.49
C TYR A 224 0.60 4.32 3.10
N LEU A 225 -0.68 4.69 2.82
CA LEU A 225 -1.75 3.68 2.47
C LEU A 225 -2.32 4.03 1.11
N SER A 226 -2.56 2.99 0.32
CA SER A 226 -3.32 3.07 -0.97
C SER A 226 -4.18 1.85 -1.10
N CYS A 227 -5.16 1.92 -1.97
CA CYS A 227 -5.91 0.69 -2.28
CA CYS A 227 -6.02 0.77 -2.30
C CYS A 227 -6.28 0.66 -3.78
N ALA A 228 -6.38 -0.58 -4.28
CA ALA A 228 -6.80 -0.81 -5.66
C ALA A 228 -8.06 -1.67 -5.66
N ASP A 229 -8.94 -1.35 -6.59
CA ASP A 229 -10.15 -2.09 -6.85
C ASP A 229 -9.84 -3.27 -7.77
N ILE A 230 -10.11 -4.47 -7.29
CA ILE A 230 -9.85 -5.68 -8.05
C ILE A 230 -11.07 -6.64 -8.04
N ALA A 231 -11.00 -7.58 -8.95
CA ALA A 231 -11.91 -8.71 -8.94
C ALA A 231 -11.14 -10.01 -8.80
N ILE A 232 -11.74 -10.98 -8.10
CA ILE A 232 -11.15 -12.31 -7.98
C ILE A 232 -12.22 -13.34 -8.33
N GLN A 233 -12.06 -13.99 -9.50
CA GLN A 233 -13.15 -14.71 -10.08
C GLN A 233 -12.74 -16.10 -10.51
#